data_8GLH
#
_entry.id   8GLH
#
_cell.length_a   57.447
_cell.length_b   77.049
_cell.length_c   91.445
_cell.angle_alpha   90.00
_cell.angle_beta   90.00
_cell.angle_gamma   90.00
#
_symmetry.space_group_name_H-M   'P 21 21 21'
#
loop_
_entity.id
_entity.type
_entity.pdbx_description
1 polymer 'T-cell surface glycoprotein CD1b'
2 polymer Beta-2-microglobulin
3 branched alpha-D-mannopyranose-(1-3)-[alpha-D-mannopyranose-(1-6)]beta-D-mannopyranose-(1-4)-2-acetamido-2-deoxy-beta-D-glucopyranose-(1-4)-[alpha-L-fucopyranose-(1-3)][alpha-L-fucopyranose-(1-6)]2-acetamido-2-deoxy-beta-D-glucopyranose
4 branched beta-D-mannopyranose-(1-4)-2-acetamido-2-deoxy-beta-D-glucopyranose-(1-4)-[alpha-L-fucopyranose-(1-3)][alpha-L-fucopyranose-(1-6)]2-acetamido-2-deoxy-beta-D-glucopyranose
5 non-polymer 'IODIDE ION'
6 non-polymer '(11E)-hexadec-11-enoic acid'
7 non-polymer '[(2~{R})-1-dodecanoyloxy-3-[oxidanyl-[2-(trimethyl-$l^{4}-azanyl)ethoxy]phosphoryl]oxy-propan-2-yl] (8~{Z},11~{Z},14~{Z},24~{Z},27~{Z})-triaconta-8,11,14,24,27-pentaenoate'
8 non-polymer 1,2-ETHANEDIOL
9 non-polymer 'SODIUM ION'
10 water water
#
loop_
_entity_poly.entity_id
_entity_poly.type
_entity_poly.pdbx_seq_one_letter_code
_entity_poly.pdbx_strand_id
1 'polypeptide(L)'
;HAFQGPTSFHVIQTSSFTNSTWAQTQGSGWLDDLQIHGWDSDSGTAIFLKPWSKGNFSDKEVAELEEIFRVYIFGFAREV
QDFAGDFQMKYPFEIQGIAGCELHSGGAIVSFLRGALGGLDFLSVKNASCVPSPEGGSRAQKFCALIIQYQGIMETVRIL
LYETCPRYLLGVLNAGKADLQRQVKPEAWLSSGPSPGPGRLQLVCHVSGFYPKPVWVMWMRGEQEQQGTQLGDILPNANW
TWYLRATLDVADGEAAGLSCRVKHSSLEGQDIILYWRGSGLNDIFEAQKIEWHEHHHHHH
;
A
2 'polypeptide(L)'
;PKIQRTPKIQVYSRHPAENGKSNFLNCYVSGFHPSDIEVDLLKNGERIEKVEHSDLSFSKDWSFYLLYYTEFTPTEKDEY
ACRVNHVTLSQPKIVKWDRDM
;
B
#
loop_
_chem_comp.id
_chem_comp.type
_chem_comp.name
_chem_comp.formula
3IV non-polymer '(11E)-hexadec-11-enoic acid' 'C16 H30 O2'
3IY non-polymer '[(2~{R})-1-dodecanoyloxy-3-[oxidanyl-[2-(trimethyl-$l^{4}-azanyl)ethoxy]phosphoryl]oxy-propan-2-yl] (8~{Z},11~{Z},14~{Z},24~{Z},27~{Z})-triaconta-8,11,14,24,27-pentaenoate' 'C50 H91 N O8 P 1'
BMA D-saccharide, beta linking beta-D-mannopyranose 'C6 H12 O6'
EDO non-polymer 1,2-ETHANEDIOL 'C2 H6 O2'
FUC L-saccharide, alpha linking alpha-L-fucopyranose 'C6 H12 O5'
IOD non-polymer 'IODIDE ION' 'I -1'
MAN D-saccharide, alpha linking alpha-D-mannopyranose 'C6 H12 O6'
NA non-polymer 'SODIUM ION' 'Na 1'
NAG D-saccharide, beta linking 2-acetamido-2-deoxy-beta-D-glucopyranose 'C8 H15 N O6'
#
# COMPACT_ATOMS: atom_id res chain seq x y z
N PHE A 3 -10.94 -19.47 5.14
CA PHE A 3 -9.99 -18.84 6.06
C PHE A 3 -9.85 -17.34 5.74
N GLN A 4 -9.45 -16.57 6.74
CA GLN A 4 -9.38 -15.11 6.63
C GLN A 4 -7.93 -14.66 6.55
N GLY A 5 -7.75 -13.37 6.33
CA GLY A 5 -6.42 -12.81 6.15
C GLY A 5 -5.98 -12.87 4.70
N PRO A 6 -4.70 -12.60 4.47
CA PRO A 6 -4.23 -12.47 3.09
C PRO A 6 -4.24 -13.81 2.36
N THR A 7 -4.39 -13.73 1.04
CA THR A 7 -4.43 -14.88 0.17
C THR A 7 -3.35 -14.89 -0.91
N SER A 8 -2.50 -13.87 -0.98
CA SER A 8 -1.52 -13.78 -2.04
C SER A 8 -0.15 -13.46 -1.46
N PHE A 9 0.89 -13.87 -2.18
CA PHE A 9 2.24 -13.43 -1.89
C PHE A 9 2.79 -12.77 -3.14
N HIS A 10 3.53 -11.68 -2.97
CA HIS A 10 4.18 -11.14 -4.14
C HIS A 10 5.43 -10.37 -3.77
N VAL A 11 6.38 -10.33 -4.69
CA VAL A 11 7.55 -9.49 -4.57
C VAL A 11 7.36 -8.29 -5.49
N ILE A 12 7.91 -7.14 -5.09
CA ILE A 12 7.88 -5.97 -5.96
C ILE A 12 9.30 -5.45 -6.15
N GLN A 13 9.48 -4.72 -7.25
CA GLN A 13 10.74 -4.13 -7.65
C GLN A 13 10.48 -2.70 -8.11
N THR A 14 11.32 -1.76 -7.67
CA THR A 14 11.33 -0.42 -8.24
C THR A 14 12.77 -0.08 -8.60
N SER A 15 13.05 0.11 -9.88
CA SER A 15 14.39 0.38 -10.35
C SER A 15 14.42 1.77 -10.96
N SER A 16 15.21 2.66 -10.35
CA SER A 16 15.24 4.06 -10.73
C SER A 16 16.54 4.33 -11.47
N PHE A 17 16.43 4.69 -12.75
CA PHE A 17 17.60 4.92 -13.61
C PHE A 17 17.82 6.43 -13.74
N THR A 18 18.91 6.91 -13.13
CA THR A 18 19.20 8.33 -13.15
C THR A 18 19.88 8.75 -14.45
N ASN A 19 20.85 7.97 -14.90
CA ASN A 19 21.57 8.25 -16.14
C ASN A 19 22.22 6.96 -16.61
N SER A 20 23.09 7.08 -17.62
CA SER A 20 23.70 5.90 -18.23
C SER A 20 24.55 5.09 -17.26
N THR A 21 24.94 5.67 -16.12
CA THR A 21 25.85 4.98 -15.22
C THR A 21 25.29 4.72 -13.84
N TRP A 22 24.09 5.22 -13.51
CA TRP A 22 23.61 5.16 -12.14
C TRP A 22 22.16 4.70 -12.09
N ALA A 23 21.92 3.57 -11.43
CA ALA A 23 20.58 3.03 -11.20
C ALA A 23 20.54 2.42 -9.81
N GLN A 24 19.36 2.43 -9.19
CA GLN A 24 19.18 1.84 -7.87
C GLN A 24 17.85 1.13 -7.81
N THR A 25 17.81 0.02 -7.06
CA THR A 25 16.63 -0.84 -7.02
C THR A 25 16.18 -1.01 -5.58
N GLN A 26 14.88 -0.88 -5.34
CA GLN A 26 14.25 -1.21 -4.07
C GLN A 26 13.31 -2.37 -4.30
N GLY A 27 13.19 -3.25 -3.30
CA GLY A 27 12.34 -4.40 -3.43
C GLY A 27 11.84 -4.84 -2.06
N SER A 28 10.85 -5.73 -2.09
CA SER A 28 10.20 -6.15 -0.84
C SER A 28 9.22 -7.26 -1.18
N GLY A 29 8.81 -8.00 -0.14
CA GLY A 29 7.86 -9.10 -0.29
C GLY A 29 6.65 -8.89 0.61
N TRP A 30 5.49 -9.33 0.13
CA TRP A 30 4.21 -8.90 0.69
C TRP A 30 3.22 -10.06 0.74
N LEU A 31 2.38 -10.09 1.78
CA LEU A 31 1.17 -10.91 1.79
C LEU A 31 0.02 -9.92 1.71
N ASP A 32 -0.64 -9.88 0.55
CA ASP A 32 -1.57 -8.78 0.23
C ASP A 32 -0.84 -7.46 0.46
N ASP A 33 -1.34 -6.61 1.36
CA ASP A 33 -0.64 -5.35 1.63
C ASP A 33 0.16 -5.37 2.93
N LEU A 34 0.45 -6.55 3.47
CA LEU A 34 1.25 -6.71 4.69
C LEU A 34 2.68 -7.07 4.30
N GLN A 35 3.64 -6.23 4.67
CA GLN A 35 5.02 -6.51 4.28
C GLN A 35 5.63 -7.59 5.18
N ILE A 36 6.24 -8.60 4.56
CA ILE A 36 6.92 -9.64 5.33
C ILE A 36 8.39 -9.78 4.98
N HIS A 37 8.84 -9.24 3.84
CA HIS A 37 10.25 -9.22 3.49
C HIS A 37 10.67 -7.80 3.11
N GLY A 38 11.86 -7.39 3.56
CA GLY A 38 12.51 -6.25 2.96
C GLY A 38 13.68 -6.72 2.10
N TRP A 39 14.14 -5.90 1.18
CA TRP A 39 15.36 -6.19 0.43
C TRP A 39 16.40 -5.18 0.85
N ASP A 40 17.53 -5.66 1.33
CA ASP A 40 18.59 -4.80 1.85
C ASP A 40 19.61 -4.59 0.74
N SER A 41 19.57 -3.40 0.13
N SER A 41 19.57 -3.40 0.12
CA SER A 41 20.54 -3.06 -0.89
CA SER A 41 20.55 -3.09 -0.90
C SER A 41 21.96 -2.92 -0.35
C SER A 41 21.96 -2.94 -0.34
N ASP A 42 22.13 -2.78 0.98
CA ASP A 42 23.50 -2.72 1.55
C ASP A 42 24.24 -4.04 1.35
N SER A 43 23.51 -5.16 1.37
CA SER A 43 24.04 -6.51 1.45
C SER A 43 23.61 -7.40 0.30
N GLY A 44 22.59 -7.01 -0.46
CA GLY A 44 22.03 -7.91 -1.46
C GLY A 44 21.38 -9.14 -0.86
N THR A 45 20.71 -9.00 0.28
CA THR A 45 20.05 -10.09 0.95
C THR A 45 18.69 -9.61 1.42
N ALA A 46 17.85 -10.57 1.80
CA ALA A 46 16.50 -10.25 2.25
C ALA A 46 16.48 -10.01 3.76
N ILE A 47 15.54 -9.17 4.18
CA ILE A 47 15.28 -8.90 5.59
C ILE A 47 13.97 -9.60 5.91
N PHE A 48 14.00 -10.51 6.89
CA PHE A 48 12.80 -11.28 7.23
C PHE A 48 12.10 -10.56 8.38
N LEU A 49 10.93 -9.99 8.08
CA LEU A 49 10.31 -9.04 9.00
C LEU A 49 9.51 -9.72 10.11
N LYS A 50 9.13 -10.98 9.93
CA LYS A 50 8.41 -11.76 10.93
C LYS A 50 9.17 -13.05 11.17
N PRO A 51 9.05 -13.63 12.36
CA PRO A 51 9.79 -14.88 12.64
C PRO A 51 9.40 -16.02 11.72
N TRP A 52 8.21 -15.97 11.14
CA TRP A 52 7.74 -17.03 10.27
C TRP A 52 7.92 -16.72 8.79
N SER A 53 8.63 -15.63 8.46
CA SER A 53 8.72 -15.11 7.10
C SER A 53 9.38 -16.08 6.12
N LYS A 54 10.12 -17.07 6.59
CA LYS A 54 10.66 -18.04 5.64
C LYS A 54 9.67 -19.15 5.30
N GLY A 55 8.46 -19.09 5.85
CA GLY A 55 7.48 -20.14 5.56
C GLY A 55 7.99 -21.50 5.98
N ASN A 56 7.79 -22.49 5.11
CA ASN A 56 8.33 -23.82 5.34
C ASN A 56 9.57 -24.08 4.52
N PHE A 57 10.22 -23.04 3.99
CA PHE A 57 11.42 -23.22 3.19
C PHE A 57 12.64 -23.44 4.08
N SER A 58 13.56 -24.28 3.60
CA SER A 58 14.82 -24.47 4.31
C SER A 58 15.70 -23.23 4.17
N ASP A 59 16.69 -23.14 5.05
CA ASP A 59 17.63 -22.02 4.93
C ASP A 59 18.38 -22.06 3.61
N LYS A 60 18.67 -23.27 3.11
CA LYS A 60 19.36 -23.39 1.83
C LYS A 60 18.52 -22.84 0.68
N GLU A 61 17.25 -23.24 0.63
CA GLU A 61 16.37 -22.75 -0.47
C GLU A 61 16.23 -21.23 -0.36
N VAL A 62 16.03 -20.73 0.86
CA VAL A 62 15.92 -19.28 1.02
C VAL A 62 17.16 -18.60 0.49
N ALA A 63 18.34 -19.16 0.80
CA ALA A 63 19.57 -18.54 0.32
C ALA A 63 19.68 -18.60 -1.20
N GLU A 64 19.23 -19.70 -1.80
CA GLU A 64 19.27 -19.83 -3.28
C GLU A 64 18.40 -18.73 -3.90
N LEU A 65 17.22 -18.48 -3.32
CA LEU A 65 16.33 -17.47 -3.86
C LEU A 65 16.90 -16.06 -3.67
N GLU A 66 17.57 -15.85 -2.54
CA GLU A 66 18.24 -14.55 -2.30
C GLU A 66 19.29 -14.37 -3.40
N GLU A 67 20.02 -15.43 -3.72
CA GLU A 67 21.04 -15.35 -4.75
C GLU A 67 20.42 -15.04 -6.11
N ILE A 68 19.35 -15.75 -6.47
CA ILE A 68 18.65 -15.45 -7.72
C ILE A 68 18.26 -13.98 -7.78
N PHE A 69 17.68 -13.46 -6.70
CA PHE A 69 17.21 -12.08 -6.73
C PHE A 69 18.39 -11.12 -6.76
N ARG A 70 19.44 -11.44 -6.01
CA ARG A 70 20.67 -10.61 -5.98
C ARG A 70 21.24 -10.52 -7.41
N VAL A 71 21.38 -11.67 -8.08
CA VAL A 71 21.94 -11.70 -9.43
C VAL A 71 21.03 -10.97 -10.40
N TYR A 72 19.73 -11.19 -10.27
CA TYR A 72 18.74 -10.52 -11.12
C TYR A 72 18.79 -9.01 -10.96
N ILE A 73 18.78 -8.52 -9.72
CA ILE A 73 18.78 -7.08 -9.51
C ILE A 73 20.01 -6.45 -10.14
N PHE A 74 21.16 -7.08 -9.96
CA PHE A 74 22.41 -6.56 -10.54
C PHE A 74 22.37 -6.65 -12.07
N GLY A 75 21.99 -7.79 -12.62
CA GLY A 75 22.00 -7.94 -14.06
C GLY A 75 20.95 -7.11 -14.76
N PHE A 76 19.80 -6.93 -14.12
CA PHE A 76 18.71 -6.18 -14.73
C PHE A 76 19.15 -4.76 -15.06
N ALA A 77 19.70 -4.05 -14.07
CA ALA A 77 20.11 -2.67 -14.29
C ALA A 77 21.16 -2.59 -15.38
N ARG A 78 22.16 -3.47 -15.32
CA ARG A 78 23.22 -3.48 -16.32
C ARG A 78 22.67 -3.68 -17.72
N GLU A 79 21.81 -4.69 -17.88
CA GLU A 79 21.23 -5.00 -19.22
C GLU A 79 20.38 -3.82 -19.71
N VAL A 80 19.58 -3.21 -18.82
CA VAL A 80 18.75 -2.09 -19.23
C VAL A 80 19.60 -0.91 -19.67
N GLN A 81 20.67 -0.61 -18.91
CA GLN A 81 21.59 0.44 -19.35
CA GLN A 81 21.59 0.44 -19.35
C GLN A 81 22.24 0.09 -20.68
N ASP A 82 22.59 -1.20 -20.88
CA ASP A 82 23.26 -1.57 -22.13
C ASP A 82 22.36 -1.42 -23.34
N PHE A 83 21.05 -1.57 -23.16
CA PHE A 83 20.09 -1.51 -24.26
C PHE A 83 19.30 -0.20 -24.30
N ALA A 84 19.56 0.72 -23.37
CA ALA A 84 18.82 1.99 -23.35
C ALA A 84 19.03 2.77 -24.64
N GLY A 85 20.22 2.66 -25.24
CA GLY A 85 20.43 3.28 -26.53
C GLY A 85 19.57 2.65 -27.61
N ASP A 86 19.63 1.33 -27.72
CA ASP A 86 18.83 0.63 -28.72
C ASP A 86 17.33 0.80 -28.48
N PHE A 87 16.92 0.99 -27.24
CA PHE A 87 15.50 1.10 -26.91
C PHE A 87 15.02 2.54 -26.84
N GLN A 88 15.84 3.49 -27.28
CA GLN A 88 15.48 4.91 -27.31
C GLN A 88 14.89 5.38 -25.97
N MET A 89 15.68 5.20 -24.92
CA MET A 89 15.28 5.59 -23.57
C MET A 89 15.84 6.96 -23.23
N LYS A 90 15.02 7.78 -22.59
CA LYS A 90 15.45 9.09 -22.11
C LYS A 90 15.53 9.04 -20.59
N TYR A 91 16.70 9.37 -20.05
CA TYR A 91 16.84 9.41 -18.61
C TYR A 91 16.26 10.71 -18.06
N PRO A 92 15.76 10.71 -16.81
CA PRO A 92 15.64 9.56 -15.91
C PRO A 92 14.38 8.76 -16.22
N PHE A 93 14.37 7.48 -15.87
CA PHE A 93 13.15 6.69 -15.97
C PHE A 93 13.12 5.69 -14.83
N GLU A 94 11.92 5.18 -14.57
CA GLU A 94 11.70 4.25 -13.45
C GLU A 94 10.92 3.04 -13.94
N ILE A 95 11.42 1.85 -13.63
CA ILE A 95 10.78 0.58 -13.99
C ILE A 95 10.25 -0.06 -12.71
N GLN A 96 9.05 -0.64 -12.79
CA GLN A 96 8.45 -1.36 -11.68
C GLN A 96 8.08 -2.76 -12.11
N GLY A 97 8.11 -3.69 -11.15
CA GLY A 97 7.68 -5.06 -11.41
C GLY A 97 6.98 -5.63 -10.20
N ILE A 98 6.05 -6.56 -10.46
CA ILE A 98 5.39 -7.32 -9.40
C ILE A 98 5.22 -8.76 -9.88
N ALA A 99 5.49 -9.73 -9.01
CA ALA A 99 5.38 -11.13 -9.39
C ALA A 99 4.96 -11.93 -8.18
N GLY A 100 4.08 -12.90 -8.36
CA GLY A 100 3.65 -13.66 -7.20
C GLY A 100 2.52 -14.61 -7.57
N CYS A 101 1.74 -14.96 -6.56
CA CYS A 101 0.68 -15.95 -6.78
C CYS A 101 -0.38 -15.75 -5.72
N GLU A 102 -1.60 -16.18 -6.07
CA GLU A 102 -2.76 -15.96 -5.19
C GLU A 102 -3.61 -17.21 -5.12
N LEU A 103 -4.07 -17.52 -3.91
CA LEU A 103 -4.94 -18.67 -3.64
C LEU A 103 -6.39 -18.22 -3.79
N HIS A 104 -7.14 -18.89 -4.67
CA HIS A 104 -8.52 -18.54 -4.96
C HIS A 104 -9.50 -19.44 -4.20
N SER A 105 -10.77 -19.02 -4.18
CA SER A 105 -11.82 -19.89 -3.67
C SER A 105 -11.84 -21.20 -4.46
N GLY A 106 -11.92 -22.32 -3.76
CA GLY A 106 -11.84 -23.61 -4.40
C GLY A 106 -10.43 -24.18 -4.49
N GLY A 107 -9.42 -23.42 -4.10
CA GLY A 107 -8.09 -23.96 -3.89
C GLY A 107 -7.08 -23.73 -5.01
N ALA A 108 -7.50 -23.25 -6.17
CA ALA A 108 -6.53 -23.01 -7.24
C ALA A 108 -5.59 -21.85 -6.89
N ILE A 109 -4.33 -21.98 -7.28
CA ILE A 109 -3.36 -20.90 -7.10
C ILE A 109 -2.98 -20.35 -8.47
N VAL A 110 -3.12 -19.05 -8.64
CA VAL A 110 -2.90 -18.37 -9.90
C VAL A 110 -1.70 -17.47 -9.74
N SER A 111 -0.81 -17.48 -10.74
CA SER A 111 0.43 -16.73 -10.65
C SER A 111 0.38 -15.56 -11.63
N PHE A 112 1.22 -14.57 -11.38
CA PHE A 112 1.20 -13.36 -12.20
C PHE A 112 2.59 -12.74 -12.20
N LEU A 113 2.87 -12.00 -13.28
CA LEU A 113 4.06 -11.16 -13.31
C LEU A 113 3.75 -9.97 -14.20
N ARG A 114 3.96 -8.77 -13.70
CA ARG A 114 3.68 -7.56 -14.47
CA ARG A 114 3.67 -7.55 -14.45
C ARG A 114 4.84 -6.59 -14.33
N GLY A 115 5.11 -5.86 -15.41
CA GLY A 115 6.17 -4.88 -15.41
C GLY A 115 5.65 -3.57 -15.93
N ALA A 116 6.29 -2.49 -15.48
CA ALA A 116 5.87 -1.15 -15.87
C ALA A 116 7.08 -0.29 -16.20
N LEU A 117 6.86 0.68 -17.07
CA LEU A 117 7.83 1.70 -17.38
C LEU A 117 7.11 3.05 -17.35
N GLY A 118 7.70 4.02 -16.65
CA GLY A 118 7.08 5.34 -16.53
C GLY A 118 5.73 5.33 -15.85
N GLY A 119 5.48 4.36 -14.99
CA GLY A 119 4.20 4.29 -14.31
C GLY A 119 3.07 3.76 -15.14
N LEU A 120 3.36 3.20 -16.32
CA LEU A 120 2.36 2.60 -17.18
C LEU A 120 2.70 1.15 -17.47
N ASP A 121 1.67 0.33 -17.66
CA ASP A 121 1.91 -1.08 -17.95
C ASP A 121 2.84 -1.25 -19.14
N PHE A 122 3.70 -2.25 -19.07
CA PHE A 122 4.71 -2.43 -20.12
C PHE A 122 4.68 -3.88 -20.62
N LEU A 123 4.69 -4.85 -19.71
CA LEU A 123 4.62 -6.25 -20.10
C LEU A 123 3.94 -7.05 -19.01
N SER A 124 3.68 -8.31 -19.34
CA SER A 124 3.27 -9.31 -18.36
C SER A 124 3.78 -10.66 -18.82
N VAL A 125 3.71 -11.65 -17.92
CA VAL A 125 3.99 -13.04 -18.26
C VAL A 125 2.70 -13.83 -18.17
N LYS A 126 2.36 -14.53 -19.24
CA LYS A 126 1.14 -15.32 -19.32
C LYS A 126 1.51 -16.64 -20.00
N ASN A 127 1.12 -17.75 -19.37
CA ASN A 127 1.45 -19.09 -19.88
C ASN A 127 2.97 -19.24 -20.09
N ALA A 128 3.74 -18.60 -19.20
CA ALA A 128 5.20 -18.62 -19.23
C ALA A 128 5.80 -17.94 -20.47
N SER A 129 5.06 -17.03 -21.12
CA SER A 129 5.60 -16.23 -22.22
C SER A 129 5.57 -14.75 -21.85
N CYS A 130 6.50 -13.99 -22.42
CA CYS A 130 6.51 -12.54 -22.31
C CYS A 130 5.43 -11.95 -23.21
N VAL A 131 4.55 -11.13 -22.65
CA VAL A 131 3.46 -10.54 -23.40
C VAL A 131 3.55 -9.02 -23.35
N PRO A 132 3.76 -8.35 -24.48
CA PRO A 132 3.86 -6.88 -24.45
C PRO A 132 2.50 -6.26 -24.22
N SER A 133 2.45 -5.29 -23.32
N SER A 133 2.45 -5.30 -23.35
CA SER A 133 1.24 -4.54 -23.08
CA SER A 133 1.22 -4.56 -23.10
C SER A 133 1.09 -3.43 -24.11
C SER A 133 1.08 -3.44 -24.12
N PRO A 134 -0.16 -3.13 -24.53
CA PRO A 134 -0.35 -2.07 -25.52
C PRO A 134 0.27 -0.73 -25.12
N GLU A 135 0.17 -0.34 -23.84
CA GLU A 135 0.81 0.90 -23.41
C GLU A 135 2.30 0.89 -23.63
N GLY A 136 2.92 -0.30 -23.64
CA GLY A 136 4.35 -0.39 -23.85
C GLY A 136 4.77 -0.16 -25.28
N GLY A 137 3.84 -0.24 -26.22
CA GLY A 137 4.14 0.05 -27.60
C GLY A 137 5.17 -0.89 -28.20
N SER A 138 5.86 -0.38 -29.23
CA SER A 138 6.83 -1.19 -29.92
C SER A 138 8.07 -1.43 -29.06
N ARG A 139 8.32 -0.54 -28.12
CA ARG A 139 9.43 -0.76 -27.18
C ARG A 139 9.23 -2.03 -26.38
N ALA A 140 7.99 -2.27 -25.95
CA ALA A 140 7.65 -3.48 -25.17
C ALA A 140 7.83 -4.72 -26.07
N GLN A 141 7.39 -4.63 -27.32
CA GLN A 141 7.54 -5.75 -28.25
C GLN A 141 9.02 -6.07 -28.47
N LYS A 142 9.83 -5.03 -28.65
CA LYS A 142 11.27 -5.26 -28.75
C LYS A 142 11.80 -5.95 -27.51
N PHE A 143 11.33 -5.53 -26.33
CA PHE A 143 11.85 -6.11 -25.09
C PHE A 143 11.52 -7.60 -24.99
N CYS A 144 10.26 -7.97 -25.20
CA CYS A 144 9.90 -9.39 -25.14
C CYS A 144 10.69 -10.20 -26.18
N ALA A 145 10.86 -9.65 -27.38
CA ALA A 145 11.65 -10.36 -28.39
C ALA A 145 13.10 -10.52 -27.96
N LEU A 146 13.59 -9.61 -27.11
CA LEU A 146 14.96 -9.69 -26.65
C LEU A 146 15.10 -10.71 -25.52
N ILE A 147 14.21 -10.65 -24.54
CA ILE A 147 14.40 -11.38 -23.29
C ILE A 147 14.36 -12.89 -23.50
N ILE A 148 13.67 -13.35 -24.54
CA ILE A 148 13.61 -14.79 -24.81
C ILE A 148 14.94 -15.30 -25.34
N GLN A 149 15.82 -14.41 -25.80
CA GLN A 149 17.14 -14.81 -26.27
C GLN A 149 18.12 -15.07 -25.14
N TYR A 150 17.77 -14.71 -23.90
CA TYR A 150 18.66 -14.89 -22.76
C TYR A 150 18.48 -16.29 -22.17
N GLN A 151 19.54 -17.08 -22.20
CA GLN A 151 19.50 -18.45 -21.70
C GLN A 151 18.99 -18.49 -20.27
N GLY A 152 17.95 -19.29 -20.04
CA GLY A 152 17.55 -19.67 -18.72
C GLY A 152 16.62 -18.72 -18.01
N ILE A 153 16.43 -17.49 -18.52
CA ILE A 153 15.62 -16.51 -17.80
C ILE A 153 14.15 -16.93 -17.76
N MET A 154 13.56 -17.20 -18.92
CA MET A 154 12.15 -17.55 -18.94
C MET A 154 11.89 -18.88 -18.22
N GLU A 155 12.82 -19.83 -18.30
CA GLU A 155 12.64 -21.07 -17.56
C GLU A 155 12.72 -20.83 -16.06
N THR A 156 13.65 -19.98 -15.63
CA THR A 156 13.71 -19.63 -14.21
C THR A 156 12.44 -18.89 -13.78
N VAL A 157 11.96 -17.96 -14.60
CA VAL A 157 10.71 -17.24 -14.28
C VAL A 157 9.55 -18.22 -14.18
N ARG A 158 9.47 -19.16 -15.11
CA ARG A 158 8.38 -20.13 -15.10
C ARG A 158 8.39 -20.96 -13.82
N ILE A 159 9.59 -21.44 -13.44
CA ILE A 159 9.71 -22.25 -12.22
C ILE A 159 9.29 -21.45 -11.00
N LEU A 160 9.80 -20.23 -10.88
CA LEU A 160 9.48 -19.39 -9.74
C LEU A 160 7.98 -19.12 -9.65
N LEU A 161 7.35 -18.77 -10.77
CA LEU A 161 5.94 -18.39 -10.76
C LEU A 161 5.04 -19.59 -10.49
N TYR A 162 5.27 -20.70 -11.20
CA TYR A 162 4.25 -21.75 -11.25
C TYR A 162 4.57 -22.93 -10.35
N GLU A 163 5.78 -23.03 -9.83
CA GLU A 163 6.17 -24.14 -8.99
C GLU A 163 6.66 -23.69 -7.62
N THR A 164 7.55 -22.70 -7.57
CA THR A 164 8.08 -22.27 -6.29
C THR A 164 7.08 -21.42 -5.51
N CYS A 165 6.48 -20.43 -6.16
CA CYS A 165 5.57 -19.53 -5.46
C CYS A 165 4.38 -20.25 -4.82
N PRO A 166 3.69 -21.18 -5.49
CA PRO A 166 2.52 -21.80 -4.82
C PRO A 166 2.88 -22.55 -3.54
N ARG A 167 3.99 -23.29 -3.55
CA ARG A 167 4.36 -24.01 -2.32
C ARG A 167 4.83 -22.99 -1.26
N TYR A 168 5.52 -21.94 -1.68
CA TYR A 168 5.95 -20.93 -0.68
C TYR A 168 4.73 -20.26 -0.05
N LEU A 169 3.76 -19.89 -0.89
CA LEU A 169 2.54 -19.19 -0.41
C LEU A 169 1.85 -20.07 0.64
N LEU A 170 1.59 -21.33 0.30
CA LEU A 170 0.91 -22.22 1.24
C LEU A 170 1.73 -22.37 2.52
N GLY A 171 3.05 -22.53 2.38
CA GLY A 171 3.89 -22.74 3.56
C GLY A 171 3.92 -21.52 4.47
N VAL A 172 3.90 -20.31 3.89
CA VAL A 172 3.99 -19.12 4.72
C VAL A 172 2.63 -18.71 5.28
N LEU A 173 1.54 -18.92 4.53
CA LEU A 173 0.21 -18.72 5.12
C LEU A 173 0.03 -19.58 6.36
N ASN A 174 0.48 -20.83 6.32
CA ASN A 174 0.39 -21.68 7.51
C ASN A 174 1.35 -21.21 8.60
N ALA A 175 2.61 -20.94 8.24
CA ALA A 175 3.60 -20.59 9.25
C ALA A 175 3.19 -19.33 10.01
N GLY A 176 2.53 -18.39 9.33
CA GLY A 176 2.16 -17.13 9.93
C GLY A 176 0.76 -17.02 10.46
N LYS A 177 0.03 -18.14 10.54
CA LYS A 177 -1.41 -18.09 10.78
C LYS A 177 -1.76 -17.38 12.09
N ALA A 178 -0.89 -17.47 13.11
CA ALA A 178 -1.21 -16.83 14.38
C ALA A 178 -1.38 -15.31 14.21
N ASP A 179 -0.56 -14.71 13.35
CA ASP A 179 -0.65 -13.29 13.06
C ASP A 179 -1.60 -13.01 11.92
N LEU A 180 -1.59 -13.85 10.88
CA LEU A 180 -2.34 -13.58 9.66
C LEU A 180 -3.84 -13.79 9.84
N GLN A 181 -4.24 -14.69 10.73
CA GLN A 181 -5.65 -14.91 10.98
C GLN A 181 -6.09 -14.44 12.36
N ARG A 182 -5.32 -13.52 12.94
CA ARG A 182 -5.71 -12.94 14.25
C ARG A 182 -6.90 -12.00 14.04
N GLN A 183 -7.67 -11.79 15.11
CA GLN A 183 -8.85 -10.94 15.06
C GLN A 183 -8.62 -9.79 16.01
N VAL A 184 -8.66 -8.56 15.49
CA VAL A 184 -8.42 -7.36 16.28
C VAL A 184 -9.66 -6.47 16.13
N LYS A 185 -10.29 -6.19 17.26
CA LYS A 185 -11.55 -5.39 17.30
C LYS A 185 -11.26 -3.92 17.02
N PRO A 186 -12.02 -3.28 16.11
CA PRO A 186 -11.82 -1.88 15.81
C PRO A 186 -12.51 -0.99 16.85
N GLU A 187 -12.03 0.24 16.96
CA GLU A 187 -12.74 1.25 17.80
C GLU A 187 -13.48 2.17 16.83
N ALA A 188 -14.57 2.78 17.28
CA ALA A 188 -15.36 3.66 16.39
C ALA A 188 -15.82 4.90 17.16
N TRP A 189 -15.88 6.03 16.46
CA TRP A 189 -16.32 7.30 17.10
C TRP A 189 -16.98 8.17 16.02
N LEU A 190 -17.80 9.13 16.45
CA LEU A 190 -18.50 9.98 15.46
C LEU A 190 -17.96 11.42 15.52
N SER A 191 -17.98 12.09 14.37
CA SER A 191 -17.72 13.50 14.34
C SER A 191 -18.64 14.13 13.30
N SER A 192 -18.59 15.44 13.19
CA SER A 192 -19.42 16.13 12.21
C SER A 192 -18.64 17.34 11.71
N GLY A 193 -19.12 17.86 10.59
CA GLY A 193 -18.47 18.99 9.96
C GLY A 193 -19.37 19.61 8.93
N PRO A 194 -18.96 20.76 8.38
CA PRO A 194 -19.80 21.47 7.43
C PRO A 194 -19.87 20.75 6.09
N SER A 195 -20.91 21.08 5.34
CA SER A 195 -21.09 20.66 3.96
C SER A 195 -21.57 21.88 3.18
N PRO A 196 -21.23 21.97 1.89
CA PRO A 196 -21.55 23.20 1.13
C PRO A 196 -23.04 23.41 0.91
N GLY A 197 -23.88 22.42 1.16
CA GLY A 197 -25.30 22.59 0.97
C GLY A 197 -25.93 23.49 2.01
N PRO A 198 -26.83 24.37 1.58
CA PRO A 198 -27.63 25.15 2.54
C PRO A 198 -28.36 24.22 3.51
N GLY A 199 -28.18 24.48 4.80
CA GLY A 199 -28.86 23.69 5.81
C GLY A 199 -28.54 22.22 5.78
N ARG A 200 -27.34 21.85 5.37
CA ARG A 200 -26.87 20.48 5.34
C ARG A 200 -25.52 20.38 6.06
N LEU A 201 -25.25 19.22 6.63
CA LEU A 201 -23.97 18.96 7.27
C LEU A 201 -23.51 17.57 6.90
N GLN A 202 -22.25 17.26 7.21
CA GLN A 202 -21.67 15.96 6.96
C GLN A 202 -21.39 15.27 8.29
N LEU A 203 -21.95 14.06 8.47
CA LEU A 203 -21.64 13.24 9.63
C LEU A 203 -20.57 12.23 9.24
N VAL A 204 -19.69 11.92 10.19
CA VAL A 204 -18.55 11.04 9.92
C VAL A 204 -18.52 9.96 10.98
N CYS A 205 -18.45 8.71 10.52
CA CYS A 205 -18.25 7.56 11.40
C CYS A 205 -16.83 7.05 11.15
N HIS A 206 -16.00 7.10 12.19
CA HIS A 206 -14.60 6.69 12.08
C HIS A 206 -14.46 5.28 12.64
N VAL A 207 -13.72 4.42 11.94
CA VAL A 207 -13.51 3.03 12.37
C VAL A 207 -12.02 2.74 12.24
N SER A 208 -11.38 2.37 13.35
CA SER A 208 -9.92 2.24 13.32
C SER A 208 -9.43 1.09 14.19
N GLY A 209 -8.32 0.48 13.76
CA GLY A 209 -7.66 -0.58 14.54
C GLY A 209 -8.18 -1.98 14.28
N PHE A 210 -8.91 -2.18 13.19
CA PHE A 210 -9.48 -3.51 12.89
C PHE A 210 -8.56 -4.35 12.00
N TYR A 211 -8.50 -5.65 12.30
CA TYR A 211 -7.81 -6.67 11.48
C TYR A 211 -8.62 -7.96 11.58
N PRO A 212 -8.92 -8.71 10.49
CA PRO A 212 -8.47 -8.44 9.12
C PRO A 212 -9.14 -7.24 8.42
N LYS A 213 -8.66 -6.92 7.23
CA LYS A 213 -9.08 -5.73 6.44
C LYS A 213 -10.58 -5.71 6.10
N PRO A 214 -11.26 -6.82 5.73
CA PRO A 214 -12.68 -6.75 5.39
C PRO A 214 -13.49 -6.16 6.55
N VAL A 215 -14.35 -5.20 6.25
CA VAL A 215 -15.16 -4.50 7.28
C VAL A 215 -16.43 -3.95 6.63
N TRP A 216 -17.46 -3.71 7.43
CA TRP A 216 -18.74 -3.20 6.94
C TRP A 216 -19.13 -2.04 7.85
N VAL A 217 -19.35 -0.87 7.25
CA VAL A 217 -19.69 0.33 8.01
C VAL A 217 -20.81 1.03 7.26
N MET A 218 -21.89 1.32 7.97
CA MET A 218 -23.03 1.95 7.31
C MET A 218 -23.70 2.94 8.25
N TRP A 219 -24.11 4.06 7.71
CA TRP A 219 -25.05 4.92 8.43
C TRP A 219 -26.45 4.31 8.35
N MET A 220 -27.17 4.35 9.48
CA MET A 220 -28.46 3.68 9.63
C MET A 220 -29.51 4.63 10.19
N ARG A 221 -30.78 4.34 9.86
CA ARG A 221 -31.93 4.84 10.60
C ARG A 221 -32.69 3.58 11.03
N GLY A 222 -32.54 3.23 12.30
CA GLY A 222 -33.08 1.96 12.76
C GLY A 222 -32.49 0.81 11.96
N GLU A 223 -33.36 -0.01 11.35
CA GLU A 223 -32.89 -1.08 10.49
C GLU A 223 -32.62 -0.64 9.06
N GLN A 224 -32.93 0.61 8.70
CA GLN A 224 -32.81 1.06 7.32
C GLN A 224 -31.38 1.52 7.04
N GLU A 225 -30.71 0.83 6.11
CA GLU A 225 -29.34 1.21 5.72
C GLU A 225 -29.42 2.47 4.86
N GLN A 226 -28.71 3.54 5.25
CA GLN A 226 -28.73 4.78 4.46
C GLN A 226 -27.83 4.61 3.24
N GLN A 227 -28.45 4.49 2.07
CA GLN A 227 -27.69 4.26 0.84
C GLN A 227 -26.83 5.47 0.44
N GLY A 228 -27.06 6.64 1.02
CA GLY A 228 -26.20 7.78 0.79
C GLY A 228 -24.84 7.68 1.47
N THR A 229 -24.60 6.63 2.26
CA THR A 229 -23.33 6.46 2.95
C THR A 229 -22.19 6.45 1.94
N GLN A 230 -21.14 7.20 2.22
CA GLN A 230 -19.97 7.21 1.35
C GLN A 230 -18.76 6.73 2.11
N LEU A 231 -18.08 5.72 1.57
CA LEU A 231 -16.87 5.21 2.21
C LEU A 231 -15.64 5.96 1.72
N GLY A 232 -14.74 6.28 2.66
CA GLY A 232 -13.46 6.84 2.28
C GLY A 232 -12.48 5.75 1.86
N ASP A 233 -11.24 6.16 1.64
CA ASP A 233 -10.17 5.20 1.42
C ASP A 233 -9.92 4.41 2.69
N ILE A 234 -9.62 3.13 2.55
CA ILE A 234 -9.18 2.37 3.70
C ILE A 234 -7.68 2.62 3.88
N LEU A 235 -7.31 3.21 5.01
CA LEU A 235 -5.94 3.69 5.20
C LEU A 235 -5.22 2.86 6.23
N PRO A 236 -3.91 2.68 6.09
CA PRO A 236 -3.18 1.84 7.03
C PRO A 236 -2.83 2.55 8.32
N ASN A 237 -2.82 1.75 9.36
CA ASN A 237 -2.11 2.16 10.57
C ASN A 237 -0.82 1.34 10.53
N ALA A 238 0.18 1.74 11.31
CA ALA A 238 1.33 0.89 11.53
C ALA A 238 0.90 -0.33 12.35
N ASN A 239 1.58 -1.45 12.17
CA ASN A 239 1.31 -2.70 12.89
C ASN A 239 -0.03 -3.33 12.48
N TRP A 240 -0.22 -3.44 11.17
CA TRP A 240 -1.27 -4.29 10.55
C TRP A 240 -2.73 -4.07 10.97
N THR A 241 -3.18 -2.81 11.13
CA THR A 241 -4.61 -2.54 11.21
C THR A 241 -4.93 -1.40 10.25
N TRP A 242 -6.22 -1.08 10.12
CA TRP A 242 -6.61 -0.06 9.16
C TRP A 242 -7.57 0.92 9.80
N TYR A 243 -7.82 1.99 9.05
CA TYR A 243 -8.69 3.11 9.41
C TYR A 243 -9.61 3.38 8.23
N LEU A 244 -10.89 3.56 8.50
CA LEU A 244 -11.87 3.84 7.47
C LEU A 244 -12.88 4.83 8.02
N ARG A 245 -13.26 5.80 7.22
CA ARG A 245 -14.36 6.69 7.59
C ARG A 245 -15.53 6.48 6.62
N ALA A 246 -16.74 6.53 7.17
CA ALA A 246 -17.98 6.51 6.40
C ALA A 246 -18.71 7.82 6.66
N THR A 247 -19.12 8.50 5.60
CA THR A 247 -19.69 9.83 5.74
C THR A 247 -21.11 9.83 5.21
N LEU A 248 -21.91 10.79 5.68
CA LEU A 248 -23.28 10.95 5.22
C LEU A 248 -23.60 12.42 5.20
N ASP A 249 -24.00 12.92 4.04
CA ASP A 249 -24.49 14.28 3.87
C ASP A 249 -25.98 14.27 4.19
N VAL A 250 -26.39 15.12 5.14
CA VAL A 250 -27.78 15.12 5.61
C VAL A 250 -28.23 16.54 5.90
N ALA A 251 -29.52 16.79 5.66
CA ALA A 251 -30.11 18.07 6.04
C ALA A 251 -30.04 18.25 7.55
N ASP A 252 -29.94 19.51 7.98
CA ASP A 252 -29.80 19.88 9.39
C ASP A 252 -30.83 19.18 10.26
N GLY A 253 -32.09 19.42 9.99
CA GLY A 253 -33.14 18.94 10.83
C GLY A 253 -33.48 17.49 10.63
N GLU A 254 -32.66 16.78 9.86
CA GLU A 254 -32.93 15.34 9.59
C GLU A 254 -31.80 14.45 10.11
N ALA A 255 -30.81 15.04 10.81
CA ALA A 255 -29.74 14.22 11.36
C ALA A 255 -30.17 13.40 12.56
N ALA A 256 -31.16 13.88 13.32
CA ALA A 256 -31.65 13.11 14.46
C ALA A 256 -32.21 11.78 13.97
N GLY A 257 -31.90 10.72 14.72
CA GLY A 257 -32.30 9.37 14.38
C GLY A 257 -31.22 8.55 13.71
N LEU A 258 -30.13 9.18 13.29
CA LEU A 258 -29.07 8.45 12.59
C LEU A 258 -28.18 7.69 13.57
N SER A 259 -27.64 6.58 13.10
CA SER A 259 -26.65 5.83 13.84
C SER A 259 -25.66 5.24 12.85
N CYS A 260 -24.49 4.86 13.37
CA CYS A 260 -23.47 4.17 12.58
C CYS A 260 -23.36 2.75 13.10
N ARG A 261 -23.42 1.78 12.19
CA ARG A 261 -23.31 0.37 12.55
C ARG A 261 -22.07 -0.19 11.91
N VAL A 262 -21.24 -0.88 12.70
CA VAL A 262 -20.00 -1.49 12.21
C VAL A 262 -20.10 -2.99 12.41
N LYS A 263 -19.86 -3.74 11.34
CA LYS A 263 -19.78 -5.20 11.42
C LYS A 263 -18.35 -5.61 11.10
N HIS A 264 -17.81 -6.54 11.88
CA HIS A 264 -16.45 -7.00 11.61
C HIS A 264 -16.29 -8.40 12.18
N SER A 265 -15.45 -9.18 11.50
CA SER A 265 -15.25 -10.58 11.87
C SER A 265 -14.86 -10.74 13.33
N SER A 266 -14.22 -9.72 13.91
CA SER A 266 -13.71 -9.82 15.28
C SER A 266 -14.79 -9.64 16.34
N LEU A 267 -15.94 -9.08 15.96
CA LEU A 267 -16.95 -8.69 16.94
C LEU A 267 -17.87 -9.83 17.36
N GLU A 268 -17.70 -11.00 16.74
CA GLU A 268 -18.50 -12.21 16.99
C GLU A 268 -19.98 -11.88 17.20
N GLY A 269 -20.53 -11.21 16.20
CA GLY A 269 -21.96 -10.94 16.15
C GLY A 269 -22.41 -9.69 16.86
N GLN A 270 -21.58 -9.11 17.72
CA GLN A 270 -21.96 -7.93 18.48
C GLN A 270 -21.52 -6.70 17.71
N ASP A 271 -22.38 -6.22 16.80
CA ASP A 271 -22.02 -5.04 16.02
C ASP A 271 -21.81 -3.85 16.94
N ILE A 272 -20.91 -2.94 16.52
CA ILE A 272 -20.80 -1.64 17.16
C ILE A 272 -21.90 -0.74 16.60
N ILE A 273 -22.65 -0.11 17.49
CA ILE A 273 -23.66 0.87 17.10
C ILE A 273 -23.35 2.16 17.84
N LEU A 274 -23.11 3.24 17.09
CA LEU A 274 -22.99 4.58 17.65
C LEU A 274 -24.21 5.39 17.24
N TYR A 275 -24.74 6.20 18.15
CA TYR A 275 -25.95 6.97 17.87
C TYR A 275 -25.62 8.45 17.78
N TRP A 276 -26.03 9.10 16.69
CA TRP A 276 -25.82 10.53 16.57
C TRP A 276 -26.87 11.26 17.38
N ARG A 277 -26.44 12.13 18.28
CA ARG A 277 -27.37 12.92 19.07
C ARG A 277 -27.28 14.39 18.65
N GLY A 278 -28.40 15.11 18.78
CA GLY A 278 -28.46 16.49 18.25
C GLY A 278 -28.06 17.57 19.24
N SER A 279 -27.99 18.81 18.75
CA SER A 279 -27.66 20.03 19.53
C SER A 279 -26.34 19.91 20.29
N GLY A 280 -25.28 19.41 19.63
CA GLY A 280 -23.96 19.30 20.25
C GLY A 280 -23.96 18.44 21.52
N LEU A 281 -24.65 17.30 21.47
CA LEU A 281 -24.72 16.36 22.62
C LEU A 281 -23.74 15.19 22.39
N ASN A 282 -22.73 15.45 21.55
CA ASN A 282 -21.63 14.49 21.21
C ASN A 282 -22.20 13.29 20.44
N PRO B 1 5.12 6.51 -19.83
CA PRO B 1 6.35 6.79 -19.09
C PRO B 1 6.66 8.29 -19.16
N LYS B 2 5.64 9.14 -19.21
CA LYS B 2 5.90 10.59 -19.36
C LYS B 2 5.24 11.44 -18.27
N ILE B 3 3.96 11.20 -17.96
CA ILE B 3 3.22 12.09 -17.00
C ILE B 3 3.51 11.73 -15.54
N GLN B 4 3.90 12.74 -14.76
CA GLN B 4 4.16 12.60 -13.30
C GLN B 4 2.82 12.67 -12.56
N ARG B 5 2.77 12.13 -11.34
CA ARG B 5 1.53 12.15 -10.51
C ARG B 5 1.89 12.84 -9.20
N THR B 6 1.11 13.86 -8.81
CA THR B 6 1.35 14.59 -7.54
C THR B 6 0.81 13.73 -6.40
N PRO B 7 1.52 13.66 -5.25
CA PRO B 7 1.07 12.83 -4.13
C PRO B 7 -0.20 13.32 -3.44
N LYS B 8 -1.02 12.36 -3.00
CA LYS B 8 -2.23 12.64 -2.19
C LYS B 8 -1.72 12.57 -0.74
N ILE B 9 -2.06 13.54 0.11
CA ILE B 9 -1.53 13.53 1.51
C ILE B 9 -2.70 13.45 2.49
N GLN B 10 -2.73 12.40 3.30
CA GLN B 10 -3.80 12.20 4.27
C GLN B 10 -3.22 12.04 5.66
N VAL B 11 -3.70 12.85 6.59
CA VAL B 11 -3.15 12.94 7.94
C VAL B 11 -4.26 12.57 8.92
N TYR B 12 -4.01 11.57 9.78
CA TYR B 12 -5.04 11.03 10.65
C TYR B 12 -4.40 10.42 11.89
N SER B 13 -5.12 10.47 13.00
CA SER B 13 -4.65 9.84 14.22
C SER B 13 -5.15 8.42 14.30
N ARG B 14 -4.39 7.59 15.01
CA ARG B 14 -4.74 6.18 15.19
C ARG B 14 -5.98 6.03 16.07
N HIS B 15 -6.06 6.78 17.15
CA HIS B 15 -7.18 6.81 18.07
C HIS B 15 -7.85 8.16 18.02
N PRO B 16 -9.12 8.25 18.42
CA PRO B 16 -9.75 9.56 18.52
C PRO B 16 -8.95 10.45 19.46
N ALA B 17 -8.75 11.70 19.03
CA ALA B 17 -7.92 12.61 19.80
C ALA B 17 -8.51 12.90 21.16
N GLU B 18 -7.69 12.77 22.20
CA GLU B 18 -8.06 13.25 23.53
C GLU B 18 -6.84 13.96 24.10
N ASN B 19 -7.00 15.23 24.45
CA ASN B 19 -5.86 16.03 24.90
C ASN B 19 -5.25 15.41 26.14
N GLY B 20 -3.92 15.22 26.09
CA GLY B 20 -3.19 14.64 27.20
C GLY B 20 -3.01 13.14 27.12
N LYS B 21 -3.63 12.47 26.15
CA LYS B 21 -3.56 11.02 26.04
C LYS B 21 -2.67 10.67 24.86
N SER B 22 -1.72 9.75 25.09
CA SER B 22 -0.82 9.33 24.03
C SER B 22 -1.57 8.73 22.85
N ASN B 23 -1.03 8.94 21.65
CA ASN B 23 -1.71 8.61 20.40
C ASN B 23 -0.65 8.36 19.34
N PHE B 24 -1.10 8.05 18.13
CA PHE B 24 -0.19 8.00 16.99
C PHE B 24 -0.72 8.89 15.89
N LEU B 25 0.20 9.61 15.25
CA LEU B 25 -0.09 10.49 14.13
C LEU B 25 0.40 9.81 12.86
N ASN B 26 -0.50 9.60 11.90
CA ASN B 26 -0.18 8.94 10.64
C ASN B 26 -0.22 9.93 9.48
N CYS B 27 0.71 9.78 8.55
CA CYS B 27 0.63 10.49 7.28
C CYS B 27 0.78 9.47 6.16
N TYR B 28 -0.27 9.32 5.36
CA TYR B 28 -0.28 8.39 4.25
C TYR B 28 -0.14 9.21 2.97
N VAL B 29 0.96 8.98 2.27
CA VAL B 29 1.31 9.72 1.06
C VAL B 29 1.19 8.76 -0.09
N SER B 30 0.34 9.06 -1.07
CA SER B 30 -0.01 8.04 -2.04
C SER B 30 -0.26 8.68 -3.40
N GLY B 31 -0.42 7.81 -4.40
CA GLY B 31 -0.80 8.26 -5.72
C GLY B 31 0.27 8.96 -6.51
N PHE B 32 1.54 8.92 -6.08
CA PHE B 32 2.55 9.75 -6.71
C PHE B 32 3.45 8.93 -7.64
N HIS B 33 4.07 9.64 -8.59
CA HIS B 33 5.05 9.09 -9.51
C HIS B 33 5.89 10.25 -10.06
N PRO B 34 7.22 10.13 -10.09
CA PRO B 34 8.08 9.00 -9.71
C PRO B 34 8.22 8.81 -8.20
N SER B 35 9.04 7.84 -7.78
CA SER B 35 9.05 7.43 -6.37
C SER B 35 9.84 8.40 -5.49
N ASP B 36 10.81 9.11 -6.04
CA ASP B 36 11.60 10.07 -5.28
C ASP B 36 10.68 11.04 -4.54
N ILE B 37 10.82 11.10 -3.21
CA ILE B 37 9.94 11.94 -2.39
C ILE B 37 10.62 12.18 -1.05
N GLU B 38 10.25 13.28 -0.40
CA GLU B 38 10.73 13.60 0.93
C GLU B 38 9.52 13.93 1.80
N VAL B 39 9.46 13.35 2.99
CA VAL B 39 8.29 13.51 3.88
C VAL B 39 8.78 13.75 5.30
N ASP B 40 8.24 14.79 5.95
CA ASP B 40 8.45 15.05 7.35
C ASP B 40 7.11 15.18 8.06
N LEU B 41 7.11 14.84 9.35
CA LEU B 41 6.01 15.18 10.23
C LEU B 41 6.44 16.36 11.08
N LEU B 42 5.53 17.30 11.29
CA LEU B 42 5.83 18.55 11.99
C LEU B 42 5.03 18.67 13.28
N LYS B 43 5.67 19.21 14.31
CA LYS B 43 5.00 19.70 15.51
C LYS B 43 5.23 21.19 15.59
N ASN B 44 4.15 21.97 15.57
CA ASN B 44 4.23 23.43 15.64
C ASN B 44 5.23 23.98 14.62
N GLY B 45 5.26 23.37 13.43
CA GLY B 45 6.12 23.85 12.38
C GLY B 45 7.53 23.31 12.41
N GLU B 46 7.90 22.55 13.44
CA GLU B 46 9.25 22.02 13.57
C GLU B 46 9.28 20.54 13.24
N ARG B 47 10.34 20.14 12.53
CA ARG B 47 10.51 18.73 12.08
C ARG B 47 10.62 17.78 13.28
N ILE B 48 9.72 16.78 13.33
CA ILE B 48 9.75 15.74 14.36
C ILE B 48 10.88 14.76 14.03
N GLU B 49 11.72 14.44 15.02
CA GLU B 49 12.90 13.65 14.74
C GLU B 49 12.59 12.15 14.69
N LYS B 50 11.81 11.65 15.65
CA LYS B 50 11.59 10.21 15.79
C LYS B 50 10.35 9.83 14.98
N VAL B 51 10.54 9.68 13.68
CA VAL B 51 9.44 9.32 12.77
C VAL B 51 9.81 8.05 12.02
N GLU B 52 8.89 7.09 12.01
CA GLU B 52 9.11 5.81 11.30
C GLU B 52 8.32 5.86 9.98
N HIS B 53 8.82 5.15 8.96
CA HIS B 53 8.09 5.08 7.70
C HIS B 53 8.25 3.70 7.08
N SER B 54 7.33 3.37 6.20
CA SER B 54 7.24 2.10 5.53
C SER B 54 8.25 2.04 4.38
N ASP B 55 8.62 0.83 4.01
CA ASP B 55 9.37 0.67 2.77
C ASP B 55 8.46 1.00 1.59
N LEU B 56 9.07 1.37 0.48
CA LEU B 56 8.32 1.77 -0.71
C LEU B 56 7.42 0.64 -1.18
N SER B 57 6.22 1.02 -1.60
CA SER B 57 5.29 0.09 -2.21
C SER B 57 4.53 0.88 -3.27
N PHE B 58 3.64 0.20 -3.99
CA PHE B 58 2.82 0.89 -4.97
C PHE B 58 1.50 0.16 -5.12
N SER B 59 0.53 0.83 -5.72
N SER B 59 0.53 0.85 -5.70
CA SER B 59 -0.80 0.29 -5.85
CA SER B 59 -0.82 0.31 -5.86
C SER B 59 -0.96 -0.37 -7.22
C SER B 59 -0.98 -0.33 -7.23
N LYS B 60 -2.19 -0.81 -7.52
CA LYS B 60 -2.46 -1.53 -8.75
C LYS B 60 -2.19 -0.68 -9.99
N ASP B 61 -2.34 0.64 -9.87
CA ASP B 61 -2.16 1.54 -11.04
C ASP B 61 -0.71 2.03 -11.15
N TRP B 62 0.20 1.42 -10.38
CA TRP B 62 1.67 1.66 -10.31
C TRP B 62 2.04 2.92 -9.52
N SER B 63 1.05 3.57 -8.90
N SER B 63 1.05 3.55 -8.88
CA SER B 63 1.31 4.77 -8.07
CA SER B 63 1.32 4.77 -8.09
C SER B 63 1.96 4.33 -6.77
C SER B 63 1.95 4.34 -6.76
N PHE B 64 2.98 5.08 -6.33
CA PHE B 64 3.66 4.75 -5.09
C PHE B 64 2.88 5.23 -3.86
N TYR B 65 3.14 4.58 -2.73
CA TYR B 65 2.58 5.04 -1.47
C TYR B 65 3.51 4.70 -0.32
N LEU B 66 3.49 5.55 0.71
CA LEU B 66 4.28 5.42 1.93
C LEU B 66 3.42 5.81 3.13
N LEU B 67 3.66 5.14 4.25
CA LEU B 67 3.07 5.52 5.53
C LEU B 67 4.18 6.05 6.43
N TYR B 68 4.01 7.27 6.95
CA TYR B 68 4.87 7.84 7.98
C TYR B 68 4.08 7.98 9.27
N TYR B 69 4.75 7.76 10.41
CA TYR B 69 4.02 7.85 11.67
C TYR B 69 4.96 8.16 12.81
N THR B 70 4.38 8.69 13.88
CA THR B 70 5.10 9.00 15.11
C THR B 70 4.12 8.96 16.27
N GLU B 71 4.62 8.56 17.43
CA GLU B 71 3.89 8.75 18.67
C GLU B 71 3.76 10.24 18.92
N PHE B 72 2.57 10.66 19.41
CA PHE B 72 2.36 12.08 19.81
C PHE B 72 1.23 12.17 20.84
N THR B 73 1.32 13.14 21.77
CA THR B 73 0.19 13.41 22.65
C THR B 73 -0.49 14.69 22.22
N PRO B 74 -1.68 14.62 21.63
CA PRO B 74 -2.39 15.85 21.25
C PRO B 74 -2.67 16.72 22.45
N THR B 75 -2.66 18.02 22.22
CA THR B 75 -3.01 19.01 23.23
C THR B 75 -3.96 20.02 22.59
N GLU B 76 -4.44 20.95 23.40
CA GLU B 76 -5.42 21.91 22.89
C GLU B 76 -4.81 22.79 21.80
N LYS B 77 -3.59 23.29 22.03
CA LYS B 77 -3.00 24.32 21.17
C LYS B 77 -1.94 23.82 20.20
N ASP B 78 -1.35 22.65 20.44
CA ASP B 78 -0.31 22.16 19.53
C ASP B 78 -0.88 21.84 18.16
N GLU B 79 -0.09 22.11 17.12
CA GLU B 79 -0.49 21.83 15.73
C GLU B 79 0.48 20.80 15.14
N TYR B 80 -0.06 19.83 14.41
CA TYR B 80 0.75 18.81 13.77
C TYR B 80 0.44 18.75 12.28
N ALA B 81 1.43 18.37 11.50
CA ALA B 81 1.29 18.41 10.05
C ALA B 81 2.22 17.41 9.38
N CYS B 82 1.94 17.17 8.11
CA CYS B 82 2.76 16.35 7.24
C CYS B 82 3.26 17.23 6.11
N ARG B 83 4.58 17.28 5.94
CA ARG B 83 5.24 18.13 4.92
C ARG B 83 5.84 17.20 3.84
N VAL B 84 5.50 17.47 2.58
CA VAL B 84 5.90 16.59 1.48
C VAL B 84 6.54 17.44 0.40
N ASN B 85 7.68 16.96 -0.14
CA ASN B 85 8.23 17.53 -1.35
C ASN B 85 8.38 16.43 -2.41
N HIS B 86 8.13 16.80 -3.65
CA HIS B 86 8.07 15.89 -4.78
C HIS B 86 8.33 16.74 -6.02
N VAL B 87 8.77 16.09 -7.10
CA VAL B 87 9.11 16.86 -8.30
C VAL B 87 7.90 17.61 -8.83
N THR B 88 6.70 17.11 -8.57
CA THR B 88 5.47 17.78 -9.01
C THR B 88 5.11 18.98 -8.14
N LEU B 89 5.82 19.21 -7.05
CA LEU B 89 5.49 20.28 -6.12
C LEU B 89 6.54 21.39 -6.22
N SER B 90 6.08 22.64 -6.39
CA SER B 90 6.99 23.78 -6.49
C SER B 90 7.72 24.04 -5.18
N GLN B 91 7.05 23.78 -4.06
CA GLN B 91 7.59 23.96 -2.73
C GLN B 91 6.96 22.89 -1.86
N PRO B 92 7.52 22.62 -0.68
CA PRO B 92 6.93 21.57 0.16
C PRO B 92 5.46 21.87 0.46
N LYS B 93 4.63 20.84 0.32
CA LYS B 93 3.21 20.94 0.61
C LYS B 93 2.96 20.53 2.06
N ILE B 94 2.25 21.37 2.81
CA ILE B 94 2.00 21.13 4.23
C ILE B 94 0.52 20.84 4.40
N VAL B 95 0.20 19.68 4.97
CA VAL B 95 -1.18 19.30 5.26
C VAL B 95 -1.30 19.16 6.78
N LYS B 96 -2.14 19.99 7.40
CA LYS B 96 -2.25 19.97 8.85
C LYS B 96 -3.20 18.87 9.31
N TRP B 97 -2.89 18.28 10.45
CA TRP B 97 -3.80 17.35 11.09
C TRP B 97 -5.02 18.10 11.60
N ASP B 98 -6.22 17.59 11.30
CA ASP B 98 -7.48 18.20 11.71
C ASP B 98 -8.31 17.11 12.38
N ARG B 99 -8.37 17.12 13.71
CA ARG B 99 -9.07 16.05 14.41
C ARG B 99 -10.56 16.04 14.07
N ASP B 100 -11.11 17.19 13.68
CA ASP B 100 -12.51 17.25 13.25
C ASP B 100 -12.62 17.93 11.89
C1 NAG C . 5.83 -26.42 1.90
C2 NAG C . 6.53 -27.71 1.47
C3 NAG C . 5.98 -28.20 0.13
C4 NAG C . 4.46 -28.32 0.19
C5 NAG C . 3.82 -27.04 0.71
C6 NAG C . 2.36 -27.24 1.06
C7 NAG C . 8.62 -26.72 0.58
C8 NAG C . 10.12 -26.68 0.72
N2 NAG C . 7.98 -27.53 1.42
O3 NAG C . 6.53 -29.49 -0.16
O4 NAG C . 3.94 -28.55 -1.11
O5 NAG C . 4.43 -26.63 1.94
O6 NAG C . 2.32 -28.24 2.05
O7 NAG C . 8.05 -26.07 -0.28
C1 NAG C . 3.15 -29.73 -1.23
C2 NAG C . 2.52 -29.72 -2.62
C3 NAG C . 1.64 -30.95 -2.81
C4 NAG C . 2.43 -32.20 -2.50
C5 NAG C . 3.09 -32.09 -1.14
C6 NAG C . 3.95 -33.32 -0.87
C7 NAG C . 2.11 -27.59 -3.71
C8 NAG C . 1.19 -26.42 -3.87
N2 NAG C . 1.76 -28.50 -2.81
O3 NAG C . 1.15 -31.01 -4.15
O4 NAG C . 1.55 -33.33 -2.49
O5 NAG C . 3.90 -30.93 -1.05
O6 NAG C . 4.35 -33.30 0.50
O7 NAG C . 3.12 -27.71 -4.39
C1 BMA C . 1.78 -34.15 -3.63
C2 BMA C . 1.46 -35.59 -3.18
C3 BMA C . 1.61 -36.51 -4.36
C4 BMA C . 0.76 -36.05 -5.51
C5 BMA C . 1.04 -34.58 -5.86
C6 BMA C . 0.00 -34.08 -6.83
O2 BMA C . 0.12 -35.69 -2.73
O3 BMA C . 1.21 -37.86 -4.03
O4 BMA C . 1.04 -36.83 -6.67
O5 BMA C . 0.94 -33.77 -4.68
O6 BMA C . 0.34 -32.75 -7.23
C1 MAN C . 2.34 -38.69 -3.73
C2 MAN C . 1.86 -40.15 -3.88
C3 MAN C . 0.86 -40.48 -2.77
C4 MAN C . 1.34 -40.08 -1.38
C5 MAN C . 1.85 -38.63 -1.37
C6 MAN C . 2.52 -38.25 -0.06
O2 MAN C . 2.95 -41.06 -3.74
O3 MAN C . 0.56 -41.87 -2.74
O4 MAN C . 0.27 -40.21 -0.47
O5 MAN C . 2.82 -38.44 -2.43
O6 MAN C . 2.76 -36.84 -0.05
C1 MAN C . -0.20 -32.51 -8.54
C2 MAN C . 0.40 -31.16 -8.97
C3 MAN C . -0.17 -30.06 -8.07
C4 MAN C . -1.71 -30.10 -8.06
C5 MAN C . -2.22 -31.51 -7.65
C6 MAN C . -3.78 -31.64 -7.72
O2 MAN C . 0.00 -30.84 -10.29
O3 MAN C . 0.28 -28.78 -8.49
O4 MAN C . -2.22 -29.17 -7.12
O5 MAN C . -1.62 -32.49 -8.52
O6 MAN C . -4.14 -33.01 -7.35
C1 FUC C . 7.60 -29.45 -1.15
C2 FUC C . 8.29 -30.84 -1.14
C3 FUC C . 7.35 -31.91 -1.72
C4 FUC C . 6.91 -31.50 -3.13
C5 FUC C . 6.27 -30.11 -3.09
C6 FUC C . 5.92 -29.55 -4.48
O2 FUC C . 8.77 -31.22 0.16
O3 FUC C . 8.02 -33.18 -1.82
O4 FUC C . 8.04 -31.49 -3.99
O5 FUC C . 7.15 -29.14 -2.46
C1 FUC C . 1.01 -28.58 2.53
C2 FUC C . 1.27 -29.74 3.52
C3 FUC C . 1.94 -29.25 4.80
C4 FUC C . 1.21 -28.02 5.39
C5 FUC C . 1.06 -26.96 4.31
C6 FUC C . 0.22 -25.76 4.75
O2 FUC C . 2.10 -30.75 2.95
O3 FUC C . 1.94 -30.30 5.76
O4 FUC C . -0.09 -28.40 5.87
O5 FUC C . 0.39 -27.48 3.13
C1 NAG D . 25.14 9.91 -13.27
C2 NAG D . 26.45 10.63 -13.61
C3 NAG D . 27.50 10.36 -12.53
C4 NAG D . 26.93 10.67 -11.15
C5 NAG D . 25.62 9.92 -10.95
C6 NAG D . 24.95 10.24 -9.64
C7 NAG D . 26.64 10.83 -16.05
C8 NAG D . 27.21 10.23 -17.30
N2 NAG D . 26.93 10.20 -14.91
O3 NAG D . 28.68 11.11 -12.78
O4 NAG D . 27.88 10.27 -10.17
O5 NAG D . 24.69 10.30 -11.98
O6 NAG D . 24.80 11.64 -9.49
O7 NAG D . 25.94 11.84 -16.08
C1 NAG D . 28.14 11.35 -9.25
C2 NAG D . 28.83 10.75 -8.04
C3 NAG D . 29.17 11.83 -7.03
C4 NAG D . 29.91 13.00 -7.68
C5 NAG D . 29.21 13.46 -8.95
C6 NAG D . 30.02 14.45 -9.74
C7 NAG D . 28.25 8.40 -7.58
C8 NAG D . 29.45 8.02 -8.41
N2 NAG D . 28.01 9.71 -7.45
O3 NAG D . 29.97 11.26 -6.00
O4 NAG D . 29.93 14.09 -6.77
O5 NAG D . 28.97 12.34 -9.83
O6 NAG D . 29.32 14.91 -10.89
O7 NAG D . 27.53 7.56 -7.06
C1 BMA D . 31.20 14.21 -6.10
C2 BMA D . 31.39 15.71 -5.78
C3 BMA D . 32.68 15.91 -4.99
C4 BMA D . 32.85 14.91 -3.82
C5 BMA D . 32.54 13.46 -4.25
C6 BMA D . 32.51 12.49 -3.07
O2 BMA D . 30.32 16.16 -4.95
O3 BMA D . 32.78 17.25 -4.49
O4 BMA D . 34.17 14.98 -3.31
O5 BMA D . 31.26 13.43 -4.91
O6 BMA D . 31.87 11.28 -3.46
C1 FUC D . 29.73 10.22 -13.23
C2 FUC D . 30.72 11.05 -14.08
C3 FUC D . 31.50 12.02 -13.19
C4 FUC D . 32.29 11.21 -12.16
C5 FUC D . 31.33 10.33 -11.32
C6 FUC D . 32.08 9.32 -10.47
O2 FUC D . 30.08 11.74 -15.15
O3 FUC D . 32.44 12.76 -13.96
O4 FUC D . 33.24 10.39 -12.82
O5 FUC D . 30.40 9.56 -12.14
C1 FUC D . 24.24 11.90 -8.19
C2 FUC D . 24.03 13.43 -8.11
C3 FUC D . 22.85 13.88 -8.97
C4 FUC D . 21.59 13.06 -8.63
C5 FUC D . 21.87 11.58 -8.79
C6 FUC D . 20.72 10.70 -8.33
O2 FUC D . 25.22 14.13 -8.48
O3 FUC D . 22.56 15.25 -8.73
O4 FUC D . 21.19 13.32 -7.29
O5 FUC D . 23.02 11.17 -8.01
I IOD E . -1.26 -28.69 -0.90
C10 3IV F . 10.75 -4.06 -18.76
C11 3IV F . 11.80 -3.03 -19.12
C13 3IV F . 12.26 -0.95 -20.50
C14 3IV F . 13.30 -1.85 -21.18
C12 3IV F . 11.24 -1.72 -19.66
C16 3IV F . 15.68 -2.08 -22.04
C15 3IV F . 14.66 -1.19 -21.33
C01 3IV F . 9.94 -8.74 -9.46
C02 3IV F . 9.91 -9.23 -10.90
C03 3IV F . 8.97 -8.39 -11.75
C04 3IV F . 9.36 -8.46 -13.24
C05 3IV F . 9.74 -7.08 -13.74
C06 3IV F . 9.93 -6.88 -15.02
C07 3IV F . 10.32 -5.49 -15.50
C08 3IV F . 9.61 -5.14 -16.78
C09 3IV F . 10.11 -3.84 -17.39
O17 3IV F . 16.42 -1.60 -22.92
O18 3IV F . 15.79 -3.30 -21.73
C14 3IY G . 16.46 -15.08 -13.78
C12 3IY G . 18.40 -13.96 -12.93
C11 3IY G . 18.46 -15.24 -12.08
C15 3IY G . 14.99 -14.90 -13.41
C16 3IY G . 14.80 -13.64 -12.56
C17 3IY G . 13.35 -13.14 -12.58
C18 3IY G . 12.93 -12.48 -11.26
C19 3IY G . 11.41 -12.32 -11.18
C04 3IY G . 22.09 -17.02 -10.50
C05 3IY G . 23.30 -17.68 -11.15
C07 3IY G . 25.46 -18.53 -10.68
C08 3IY G . 23.54 -19.48 -9.65
C09 3IY G . 24.29 -17.32 -9.03
C20 3IY G . 10.81 -13.28 -10.13
C21 3IY G . 9.72 -14.15 -10.81
C22 3IY G . 8.91 -14.88 -10.03
C23 3IY G . 9.08 -14.81 -8.50
C24 3IY G . 7.70 -14.93 -7.84
C25 3IY G . 7.58 -15.42 -6.59
C26 3IY G . 8.82 -15.86 -5.80
C27 3IY G . 8.51 -17.18 -5.07
C28 3IY G . 9.09 -17.47 -3.90
C29 3IY G . 10.06 -16.47 -3.25
C30 3IY G . 9.86 -16.52 -1.71
C31 3IY G . 11.20 -16.67 -0.96
C32 3IY G . 11.39 -15.61 0.16
C33 3IY G . 12.86 -15.21 0.37
C34 3IY G . 13.32 -14.15 -0.65
C35 3IY G . 12.91 -12.72 -0.25
C36 3IY G . 12.65 -11.81 -1.47
C37 3IY G . 12.31 -10.39 -0.99
C38 3IY G . 12.30 -9.38 -1.85
C39 3IY G . 12.60 -9.59 -3.32
C40 3IY G . 13.10 -8.27 -3.89
C41 3IY G . 13.22 -8.08 -5.18
C42 3IY G . 12.86 -9.16 -6.18
C43 3IY G . 12.55 -8.53 -7.52
C45 3IY G . 19.68 -13.74 -13.75
C47 3IY G . 20.05 -11.66 -14.87
C48 3IY G . 18.80 -10.90 -15.38
C49 3IY G . 19.12 -10.02 -16.59
C50 3IY G . 17.96 -9.90 -17.58
C51 3IY G . 16.91 -8.88 -17.11
C52 3IY G . 15.52 -9.11 -17.72
C53 3IY G . 14.67 -10.04 -16.85
C54 3IY G . 13.22 -9.60 -16.77
C55 3IY G . 12.29 -10.72 -16.31
C56 3IY G . 10.90 -10.54 -16.90
C57 3IY G . 10.34 -11.85 -17.46
C58 3IY G . 9.64 -11.63 -18.80
N06 3IY G . 24.15 -18.25 -10.12
O01 3IY G . 20.66 -17.78 -13.34
O03 3IY G . 20.97 -17.81 -10.79
O10 3IY G . 19.78 -15.75 -12.03
O13 3IY G . 17.30 -13.96 -13.80
O44 3IY G . 16.88 -16.15 -14.07
O46 3IY G . 19.98 -12.37 -13.65
O61 3IY G . 21.05 -11.65 -15.50
O62 3IY G . 18.69 -18.10 -11.95
P02 3IY G . 20.01 -17.38 -12.05
C1 EDO H . -3.58 -13.07 -10.41
O1 EDO H . -4.34 -12.92 -11.60
C2 EDO H . -4.37 -12.92 -9.17
O2 EDO H . -5.27 -13.98 -8.93
C1 EDO I . -28.56 0.64 13.87
O1 EDO I . -29.07 -0.43 13.06
C2 EDO I . -29.66 1.19 14.80
O2 EDO I . -30.29 0.13 15.54
C1 EDO J . -3.29 -25.26 -9.52
O1 EDO J . -3.38 -24.41 -8.39
C2 EDO J . -3.88 -24.53 -10.71
O2 EDO J . -3.62 -23.12 -10.64
C1 EDO K . 11.44 6.52 -21.94
O1 EDO K . 12.16 7.16 -23.00
C2 EDO K . 12.18 6.78 -20.63
O2 EDO K . 11.91 8.11 -20.16
I IOD L . 2.25 22.37 11.86
NA NA M . 4.81 1.76 1.70
I IOD N . 2.33 23.52 -5.63
#